data_3BOO
#
_entry.id   3BOO
#
_cell.length_a   50.046
_cell.length_b   66.571
_cell.length_c   65.380
_cell.angle_alpha   90.000
_cell.angle_beta   98.630
_cell.angle_gamma   90.000
#
_symmetry.space_group_name_H-M   'P 1 21 1'
#
loop_
_entity.id
_entity.type
_entity.pdbx_description
1 polymer 'Neurotoxin A'
2 polymer 'N-Ac-CRATKML inhibitory peptide'
3 non-polymer 'ZINC ION'
4 water water
#
loop_
_entity_poly.entity_id
_entity_poly.type
_entity_poly.pdbx_seq_one_letter_code
_entity_poly.pdbx_strand_id
1 'polypeptide(L)'
;MQFVNKQFNYKDPVNGVDIAYIKIPNVGQMQPVKAFKIHNKIWVIPERDTFTNPEEGDLNPPPEAKQVPVSYYDSTYLST
DNEKDNYLKGVTKLFERIYSTDLGRMLLTSIVRGIPFWGGSTIDTELKVIDTNCINVIQPDGSYRSEELNLVIIGPSADI
IQFECKSFGHEVLNLTRNGYGSTQYIRFSPDFTFGFEESLEVDTNPLLGAGKFATDPAVTLAHELIHAGHRLYGIAINPN
RVFKVNTNAYYEMSGLEVSFEELRTFGGHDAKFIDSLQENEFRLYYYNKFKDIASTLNKAKSIVGTTASLQYMKNVFKEK
YLLSEDTSGKFSVDKLKFDKLYKMLTEIYTEDNFVKFFKVLNRKTYLNFDKAVFKINIVPKVNYTIYDGFNLRNTNLAAN
FNGQNTEINNMNFTKLKNFTGLFEF
;
A
2 'polypeptide(L)' (ACE)(CSO)RATKML B
#
# COMPACT_ATOMS: atom_id res chain seq x y z
N MET A 1 -4.11 18.50 13.11
CA MET A 1 -3.12 18.63 12.00
C MET A 1 -3.48 17.66 10.87
N GLN A 2 -3.41 18.14 9.63
CA GLN A 2 -3.84 17.33 8.49
C GLN A 2 -2.62 16.77 7.75
N PHE A 3 -2.76 15.60 7.14
CA PHE A 3 -1.72 14.99 6.33
C PHE A 3 -1.64 15.64 4.95
N VAL A 4 -2.76 16.10 4.40
CA VAL A 4 -2.83 16.67 3.06
C VAL A 4 -3.24 18.14 3.18
N ASN A 5 -2.27 19.04 3.01
CA ASN A 5 -2.51 20.46 3.22
C ASN A 5 -3.38 21.10 2.15
N LYS A 6 -3.42 20.56 0.94
CA LYS A 6 -4.30 21.15 -0.09
C LYS A 6 -5.40 20.26 -0.47
N GLN A 7 -6.58 20.84 -0.61
CA GLN A 7 -7.77 20.10 -1.00
C GLN A 7 -7.88 20.31 -2.51
N PHE A 8 -7.01 19.61 -3.22
CA PHE A 8 -6.90 19.72 -4.67
C PHE A 8 -8.26 19.46 -5.34
N ASN A 9 -8.48 20.22 -6.41
CA ASN A 9 -9.48 19.91 -7.42
C ASN A 9 -8.76 19.37 -8.67
N TYR A 10 -9.33 18.40 -9.34
CA TYR A 10 -8.68 17.85 -10.53
C TYR A 10 -8.39 18.91 -11.57
N LYS A 11 -9.28 19.89 -11.71
CA LYS A 11 -9.13 20.93 -12.75
C LYS A 11 -8.26 22.10 -12.32
N ASP A 12 -7.66 22.03 -11.14
CA ASP A 12 -6.74 23.08 -10.71
C ASP A 12 -5.59 23.17 -11.73
N PRO A 13 -5.17 24.39 -12.09
CA PRO A 13 -4.07 24.55 -13.04
C PRO A 13 -2.73 23.94 -12.58
N VAL A 14 -2.02 23.31 -13.52
CA VAL A 14 -0.69 22.82 -13.26
C VAL A 14 0.20 23.94 -12.82
N ASN A 15 1.11 23.62 -11.94
CA ASN A 15 2.16 24.51 -11.47
C ASN A 15 3.56 23.91 -11.56
N GLY A 16 3.68 22.65 -11.99
CA GLY A 16 5.00 22.04 -12.11
C GLY A 16 5.67 21.66 -10.83
N VAL A 17 4.96 21.79 -9.70
CA VAL A 17 5.54 21.50 -8.40
C VAL A 17 4.69 20.43 -7.71
N ASP A 18 3.48 20.76 -7.26
CA ASP A 18 2.60 19.75 -6.69
C ASP A 18 1.35 19.44 -7.47
N ILE A 19 1.13 20.12 -8.61
CA ILE A 19 0.18 19.72 -9.62
C ILE A 19 0.94 19.74 -10.93
N ALA A 20 1.11 18.59 -11.55
CA ALA A 20 2.06 18.53 -12.66
C ALA A 20 1.81 17.35 -13.58
N TYR A 21 2.22 17.46 -14.85
CA TYR A 21 2.26 16.34 -15.73
C TYR A 21 3.56 15.61 -15.47
N ILE A 22 3.47 14.30 -15.39
CA ILE A 22 4.61 13.48 -15.03
C ILE A 22 4.69 12.23 -15.90
N LYS A 23 5.89 11.65 -15.94
CA LYS A 23 6.10 10.33 -16.44
C LYS A 23 6.76 9.45 -15.39
N ILE A 24 6.35 8.19 -15.40
CA ILE A 24 6.91 7.21 -14.50
C ILE A 24 7.91 6.35 -15.23
N PRO A 25 8.86 5.76 -14.52
CA PRO A 25 9.99 5.10 -15.20
C PRO A 25 9.68 3.69 -15.62
N ASN A 26 8.59 3.51 -16.36
CA ASN A 26 8.25 2.19 -16.88
C ASN A 26 9.09 1.90 -18.11
N VAL A 27 9.20 0.62 -18.48
CA VAL A 27 9.88 0.25 -19.72
C VAL A 27 8.90 0.44 -20.87
N GLY A 28 9.27 1.28 -21.83
CA GLY A 28 8.39 1.58 -22.93
C GLY A 28 7.91 3.01 -22.86
N GLN A 29 7.21 3.44 -23.90
CA GLN A 29 6.79 4.83 -24.00
C GLN A 29 5.46 5.06 -23.29
N MET A 30 5.30 6.24 -22.71
CA MET A 30 3.99 6.69 -22.22
C MET A 30 3.89 8.21 -22.40
N GLN A 31 2.67 8.70 -22.57
CA GLN A 31 2.37 10.13 -22.54
C GLN A 31 2.25 10.61 -21.09
N PRO A 32 2.62 11.86 -20.78
CA PRO A 32 2.54 12.35 -19.43
C PRO A 32 1.13 12.33 -18.89
N VAL A 33 1.00 12.16 -17.59
CA VAL A 33 -0.30 12.16 -16.92
C VAL A 33 -0.32 13.22 -15.83
N LYS A 34 -1.47 13.77 -15.55
CA LYS A 34 -1.57 14.77 -14.51
C LYS A 34 -1.61 14.12 -13.15
N ALA A 35 -0.79 14.61 -12.26
CA ALA A 35 -0.59 14.05 -10.94
C ALA A 35 -0.59 15.11 -9.88
N PHE A 36 -0.74 14.72 -8.63
CA PHE A 36 -0.93 15.61 -7.51
C PHE A 36 -0.10 15.18 -6.35
N LYS A 37 0.69 16.07 -5.81
CA LYS A 37 1.60 15.74 -4.72
C LYS A 37 0.90 16.08 -3.42
N ILE A 38 0.39 15.06 -2.74
CA ILE A 38 -0.45 15.31 -1.56
C ILE A 38 0.37 15.47 -0.28
N HIS A 39 1.62 15.06 -0.29
CA HIS A 39 2.50 15.14 0.90
C HIS A 39 3.90 14.94 0.40
N ASN A 40 4.90 15.38 1.17
CA ASN A 40 6.27 15.09 0.82
C ASN A 40 6.39 13.59 0.54
N LYS A 41 6.98 13.27 -0.59
CA LYS A 41 7.29 11.92 -1.07
C LYS A 41 6.09 11.09 -1.52
N ILE A 42 4.90 11.68 -1.62
CA ILE A 42 3.68 10.93 -1.93
C ILE A 42 2.82 11.63 -2.98
N TRP A 43 2.64 10.97 -4.10
CA TRP A 43 1.84 11.51 -5.21
C TRP A 43 0.64 10.64 -5.50
N VAL A 44 -0.37 11.24 -6.09
CA VAL A 44 -1.60 10.55 -6.52
C VAL A 44 -1.78 10.79 -8.01
N ILE A 45 -1.97 9.73 -8.79
CA ILE A 45 -2.24 9.79 -10.19
C ILE A 45 -3.67 9.24 -10.39
N PRO A 46 -4.65 10.12 -10.69
CA PRO A 46 -6.06 9.67 -10.84
C PRO A 46 -6.32 9.13 -12.23
N GLU A 47 -5.60 8.08 -12.60
CA GLU A 47 -5.76 7.37 -13.87
C GLU A 47 -5.75 5.88 -13.61
N ARG A 48 -6.39 5.17 -14.52
CA ARG A 48 -6.28 3.70 -14.53
C ARG A 48 -4.83 3.31 -14.80
N ASP A 49 -4.30 2.31 -14.08
CA ASP A 49 -2.89 1.94 -14.30
C ASP A 49 -2.68 1.07 -15.52
N THR A 50 -2.39 1.72 -16.66
CA THR A 50 -2.05 1.01 -17.88
C THR A 50 -0.54 1.17 -18.13
N PHE A 51 0.20 1.51 -17.09
CA PHE A 51 1.61 1.97 -17.20
C PHE A 51 2.66 1.07 -16.53
N THR A 52 2.38 0.51 -15.36
CA THR A 52 3.43 -0.14 -14.61
C THR A 52 3.82 -1.53 -15.15
N ASN A 53 2.91 -2.19 -15.86
CA ASN A 53 3.17 -3.53 -16.39
C ASN A 53 2.90 -3.52 -17.88
N PRO A 54 3.88 -3.92 -18.71
CA PRO A 54 3.73 -3.90 -20.17
C PRO A 54 2.62 -4.81 -20.69
N GLU A 55 2.37 -5.90 -19.99
CA GLU A 55 1.33 -6.84 -20.37
C GLU A 55 -0.04 -6.42 -19.88
N GLU A 56 -0.12 -5.26 -19.23
CA GLU A 56 -1.39 -4.78 -18.67
C GLU A 56 -1.66 -3.36 -19.14
N GLY A 57 -1.68 -3.21 -20.45
CA GLY A 57 -1.81 -1.91 -21.07
C GLY A 57 -3.20 -1.55 -21.52
N ASP A 58 -4.15 -2.44 -21.36
CA ASP A 58 -5.50 -2.08 -21.70
C ASP A 58 -6.48 -2.53 -20.64
N LEU A 59 -7.72 -2.13 -20.81
CA LEU A 59 -8.71 -2.17 -19.73
C LEU A 59 -9.90 -3.12 -20.00
N ASN A 60 -9.77 -3.91 -21.06
CA ASN A 60 -10.74 -4.98 -21.32
C ASN A 60 -10.44 -6.25 -20.53
N PRO A 61 -11.46 -7.08 -20.32
CA PRO A 61 -11.25 -8.35 -19.58
C PRO A 61 -10.28 -9.29 -20.30
N VAL A 68 -10.00 -14.85 -10.85
CA VAL A 68 -10.99 -14.31 -11.78
C VAL A 68 -12.43 -14.41 -11.25
N PRO A 69 -12.67 -15.25 -10.24
CA PRO A 69 -14.05 -15.21 -9.74
C PRO A 69 -14.28 -13.87 -9.09
N VAL A 70 -13.32 -13.45 -8.28
CA VAL A 70 -13.45 -12.16 -7.66
C VAL A 70 -12.72 -11.14 -8.53
N SER A 71 -13.47 -10.55 -9.45
CA SER A 71 -12.95 -9.53 -10.35
C SER A 71 -14.12 -8.67 -10.79
N TYR A 72 -13.80 -7.50 -11.37
CA TYR A 72 -14.82 -6.60 -11.85
C TYR A 72 -14.24 -5.72 -12.95
N TYR A 73 -14.90 -5.62 -14.09
CA TYR A 73 -14.38 -4.91 -15.25
C TYR A 73 -15.37 -3.84 -15.64
N ASP A 74 -14.81 -2.70 -15.98
CA ASP A 74 -15.51 -1.57 -16.61
C ASP A 74 -14.45 -0.63 -17.17
N SER A 75 -14.26 -0.70 -18.48
CA SER A 75 -13.21 0.05 -19.10
C SER A 75 -13.38 1.53 -19.04
N THR A 76 -14.58 2.00 -18.72
CA THR A 76 -14.87 3.43 -18.67
C THR A 76 -14.66 4.05 -17.29
N TYR A 77 -14.50 3.23 -16.24
CA TYR A 77 -14.29 3.79 -14.92
C TYR A 77 -13.02 4.63 -14.87
N LEU A 78 -13.15 5.79 -14.27
CA LEU A 78 -12.02 6.72 -14.04
C LEU A 78 -11.54 7.32 -15.35
N SER A 79 -12.47 7.64 -16.23
CA SER A 79 -12.12 8.22 -17.52
C SER A 79 -12.48 9.68 -17.54
N THR A 80 -13.45 10.15 -16.78
CA THR A 80 -13.91 11.51 -16.84
C THR A 80 -13.27 12.41 -15.78
N ASP A 81 -13.32 13.72 -16.01
CA ASP A 81 -12.78 14.67 -15.07
C ASP A 81 -13.47 14.62 -13.73
N ASN A 82 -14.79 14.44 -13.69
CA ASN A 82 -15.54 14.43 -12.44
C ASN A 82 -15.12 13.22 -11.65
N GLU A 83 -14.95 12.07 -12.30
CA GLU A 83 -14.49 10.86 -11.64
C GLU A 83 -13.10 11.06 -11.09
N LYS A 84 -12.22 11.73 -11.81
CA LYS A 84 -10.86 11.91 -11.34
C LYS A 84 -10.82 12.91 -10.16
N ASP A 85 -11.69 13.89 -10.19
CA ASP A 85 -11.86 14.86 -9.07
C ASP A 85 -12.32 14.08 -7.83
N ASN A 86 -13.31 13.20 -7.98
CA ASN A 86 -13.82 12.44 -6.85
C ASN A 86 -12.83 11.41 -6.37
N TYR A 87 -11.99 10.91 -7.27
CA TYR A 87 -10.98 9.93 -6.88
C TYR A 87 -9.98 10.64 -5.98
N LEU A 88 -9.54 11.84 -6.37
CA LEU A 88 -8.56 12.60 -5.61
C LEU A 88 -9.11 12.94 -4.27
N LYS A 89 -10.36 13.34 -4.18
CA LYS A 89 -10.96 13.71 -2.90
C LYS A 89 -11.15 12.47 -2.04
N GLY A 90 -11.51 11.36 -2.62
CA GLY A 90 -11.72 10.11 -1.89
C GLY A 90 -10.44 9.60 -1.30
N VAL A 91 -9.38 9.52 -2.11
CA VAL A 91 -8.08 9.10 -1.61
C VAL A 91 -7.58 10.05 -0.55
N THR A 92 -7.73 11.36 -0.70
CA THR A 92 -7.34 12.30 0.30
C THR A 92 -8.06 12.07 1.64
N LYS A 93 -9.36 11.86 1.59
CA LYS A 93 -10.17 11.63 2.78
C LYS A 93 -9.71 10.38 3.50
N LEU A 94 -9.33 9.33 2.77
CA LEU A 94 -8.87 8.09 3.38
C LEU A 94 -7.48 8.28 4.01
N PHE A 95 -6.58 9.03 3.39
CA PHE A 95 -5.32 9.33 4.06
C PHE A 95 -5.61 10.08 5.35
N GLU A 96 -6.53 11.03 5.35
CA GLU A 96 -6.84 11.75 6.57
C GLU A 96 -7.45 10.87 7.65
N ARG A 97 -8.29 9.93 7.25
CA ARG A 97 -8.88 9.01 8.21
C ARG A 97 -7.79 8.16 8.84
N ILE A 98 -6.88 7.67 8.02
CA ILE A 98 -5.74 6.91 8.53
C ILE A 98 -4.91 7.75 9.46
N TYR A 99 -4.53 8.94 9.03
CA TYR A 99 -3.67 9.82 9.80
C TYR A 99 -4.28 10.29 11.11
N SER A 100 -5.60 10.34 11.20
CA SER A 100 -6.32 10.73 12.42
C SER A 100 -6.20 9.69 13.53
N THR A 101 -5.74 8.49 13.23
CA THR A 101 -5.45 7.48 14.28
C THR A 101 -4.01 7.48 14.68
N ASP A 102 -3.72 7.12 15.92
CA ASP A 102 -2.31 7.13 16.32
C ASP A 102 -1.53 6.12 15.49
N LEU A 103 -2.14 4.98 15.22
CA LEU A 103 -1.49 3.93 14.44
C LEU A 103 -1.18 4.39 13.03
N GLY A 104 -2.16 5.04 12.40
CA GLY A 104 -1.99 5.54 11.05
C GLY A 104 -0.98 6.68 10.93
N ARG A 105 -0.89 7.52 11.94
CA ARG A 105 0.15 8.57 11.95
C ARG A 105 1.50 7.87 12.01
N MET A 106 1.61 6.84 12.83
CA MET A 106 2.90 6.13 12.96
C MET A 106 3.27 5.48 11.63
N LEU A 107 2.32 4.81 10.96
CA LEU A 107 2.63 4.13 9.69
C LEU A 107 3.04 5.16 8.63
N LEU A 108 2.27 6.22 8.50
CA LEU A 108 2.54 7.24 7.48
C LEU A 108 3.87 7.93 7.76
N THR A 109 4.26 8.19 9.00
CA THR A 109 5.59 8.70 9.32
C THR A 109 6.66 7.71 8.87
N SER A 110 6.49 6.42 9.18
CA SER A 110 7.46 5.46 8.77
C SER A 110 7.56 5.44 7.24
N ILE A 111 6.43 5.54 6.55
CA ILE A 111 6.47 5.54 5.08
C ILE A 111 7.27 6.74 4.53
N VAL A 112 7.03 7.92 5.05
CA VAL A 112 7.70 9.13 4.55
C VAL A 112 9.18 9.09 4.84
N ARG A 113 9.55 8.57 6.01
CA ARG A 113 10.95 8.40 6.35
C ARG A 113 11.67 7.30 5.56
N GLY A 114 10.93 6.43 4.91
CA GLY A 114 11.44 5.25 4.26
C GLY A 114 12.01 5.42 2.88
N ILE A 115 12.84 6.45 2.73
CA ILE A 115 13.42 6.77 1.44
C ILE A 115 14.07 5.54 0.83
N PRO A 116 13.78 5.20 -0.44
CA PRO A 116 14.49 4.10 -1.08
C PRO A 116 16.01 4.34 -1.09
N PHE A 117 16.77 3.32 -0.71
CA PHE A 117 18.22 3.41 -0.59
C PHE A 117 18.89 3.86 -1.90
N TRP A 118 19.94 4.66 -1.74
CA TRP A 118 20.77 5.14 -2.84
C TRP A 118 21.79 4.03 -3.12
N GLY A 119 21.32 2.97 -3.76
CA GLY A 119 22.19 1.83 -4.05
C GLY A 119 22.48 1.60 -5.50
N GLY A 120 22.44 2.65 -6.30
CA GLY A 120 22.56 2.53 -7.73
C GLY A 120 23.97 2.59 -8.28
N SER A 121 24.96 2.76 -7.42
CA SER A 121 26.33 2.83 -7.92
C SER A 121 26.92 1.42 -8.10
N THR A 122 27.78 1.23 -9.09
CA THR A 122 28.55 -0.01 -9.23
C THR A 122 29.98 0.15 -8.75
N ILE A 123 30.32 1.38 -8.37
CA ILE A 123 31.63 1.73 -7.80
C ILE A 123 31.36 1.87 -6.30
N ASP A 124 31.97 1.06 -5.44
CA ASP A 124 31.50 1.16 -4.05
C ASP A 124 31.98 2.39 -3.25
N THR A 125 32.88 3.20 -3.81
CA THR A 125 33.26 4.43 -3.11
C THR A 125 32.31 5.57 -3.43
N GLU A 126 31.23 5.29 -4.16
CA GLU A 126 30.31 6.35 -4.60
C GLU A 126 28.88 5.99 -4.27
N LEU A 127 28.11 6.93 -3.72
CA LEU A 127 26.69 6.69 -3.41
C LEU A 127 25.79 7.31 -4.49
N LYS A 128 24.80 6.56 -5.01
CA LYS A 128 24.01 7.05 -6.13
C LYS A 128 22.53 6.62 -6.08
N VAL A 129 21.64 7.50 -6.49
CA VAL A 129 20.23 7.20 -6.53
C VAL A 129 19.93 6.13 -7.59
N ILE A 130 18.84 5.38 -7.43
CA ILE A 130 18.35 4.47 -8.45
C ILE A 130 17.20 5.18 -9.16
N ASP A 131 17.28 5.33 -10.49
CA ASP A 131 16.34 6.18 -11.24
C ASP A 131 14.88 5.75 -11.22
N THR A 132 14.66 4.46 -11.03
CA THR A 132 13.31 3.91 -10.99
C THR A 132 12.61 4.26 -9.67
N ASN A 133 13.31 4.87 -8.71
CA ASN A 133 12.72 5.41 -7.49
C ASN A 133 12.42 6.91 -7.58
N CYS A 134 12.26 7.39 -8.82
CA CYS A 134 11.94 8.77 -9.17
C CYS A 134 10.82 8.83 -10.17
N ILE A 135 10.25 10.01 -10.30
CA ILE A 135 9.42 10.34 -11.44
C ILE A 135 10.05 11.52 -12.15
N ASN A 136 9.66 11.70 -13.42
CA ASN A 136 10.06 12.87 -14.18
C ASN A 136 8.87 13.85 -14.30
N VAL A 137 9.13 15.06 -13.85
CA VAL A 137 8.10 16.07 -13.64
C VAL A 137 8.29 17.15 -14.70
N ILE A 138 7.27 17.50 -15.45
CA ILE A 138 7.35 18.61 -16.43
C ILE A 138 7.31 19.97 -15.69
N GLN A 139 8.36 20.78 -15.88
CA GLN A 139 8.52 22.09 -15.24
C GLN A 139 7.76 23.12 -16.04
N PRO A 140 7.66 24.36 -15.52
CA PRO A 140 6.94 25.37 -16.30
C PRO A 140 7.56 25.63 -17.67
N ASP A 141 8.86 25.41 -17.89
CA ASP A 141 9.45 25.62 -19.18
C ASP A 141 9.32 24.44 -20.15
N GLY A 142 8.66 23.38 -19.73
CA GLY A 142 8.40 22.23 -20.55
C GLY A 142 9.44 21.12 -20.46
N SER A 143 10.55 21.39 -19.77
CA SER A 143 11.58 20.37 -19.62
C SER A 143 11.33 19.55 -18.36
N TYR A 144 11.89 18.36 -18.33
CA TYR A 144 11.69 17.45 -17.22
C TYR A 144 12.72 17.68 -16.13
N ARG A 145 12.33 17.51 -14.87
CA ARG A 145 13.23 17.29 -13.78
C ARG A 145 12.90 15.96 -13.08
N SER A 146 13.89 15.39 -12.42
CA SER A 146 13.77 14.11 -11.75
C SER A 146 13.50 14.37 -10.25
N GLU A 147 12.43 13.79 -9.77
CA GLU A 147 12.03 13.92 -8.36
C GLU A 147 11.94 12.57 -7.66
N GLU A 148 12.65 12.39 -6.57
CA GLU A 148 12.54 11.20 -5.77
C GLU A 148 11.21 11.17 -5.03
N LEU A 149 10.67 9.98 -4.87
CA LEU A 149 9.42 9.83 -4.13
C LEU A 149 9.34 8.42 -3.59
N ASN A 150 8.46 8.23 -2.62
CA ASN A 150 8.34 6.93 -1.95
C ASN A 150 7.08 6.17 -2.34
N LEU A 151 6.01 6.90 -2.67
CA LEU A 151 4.69 6.32 -2.88
C LEU A 151 3.85 7.02 -3.86
N VAL A 152 3.24 6.22 -4.72
CA VAL A 152 2.26 6.67 -5.72
C VAL A 152 0.98 5.86 -5.52
N ILE A 153 -0.13 6.58 -5.42
CA ILE A 153 -1.45 5.95 -5.46
C ILE A 153 -2.00 6.17 -6.82
N ILE A 154 -2.35 5.08 -7.47
CA ILE A 154 -2.87 5.08 -8.85
C ILE A 154 -4.13 4.25 -8.95
N GLY A 155 -4.96 4.53 -9.94
CA GLY A 155 -6.13 3.70 -10.13
C GLY A 155 -5.79 2.31 -10.58
N PRO A 156 -6.79 1.41 -10.47
CA PRO A 156 -6.59 0.01 -10.84
C PRO A 156 -6.40 -0.13 -12.32
N SER A 157 -5.82 -1.25 -12.69
CA SER A 157 -5.72 -1.67 -14.08
C SER A 157 -7.06 -2.26 -14.58
N ALA A 158 -7.04 -3.19 -15.53
CA ALA A 158 -8.28 -3.73 -16.08
C ALA A 158 -9.24 -4.29 -15.02
N ASP A 159 -8.71 -5.07 -14.09
CA ASP A 159 -9.54 -5.55 -13.01
C ASP A 159 -9.61 -4.49 -11.91
N ILE A 160 -10.75 -3.84 -11.83
CA ILE A 160 -10.97 -2.69 -10.95
C ILE A 160 -10.74 -3.01 -9.49
N ILE A 161 -11.00 -4.27 -9.10
CA ILE A 161 -10.93 -4.64 -7.67
C ILE A 161 -9.70 -5.43 -7.31
N GLN A 162 -8.71 -5.51 -8.18
CA GLN A 162 -7.41 -6.05 -7.86
C GLN A 162 -6.52 -4.95 -7.33
N PHE A 163 -6.46 -4.78 -6.03
CA PHE A 163 -5.63 -3.75 -5.42
C PHE A 163 -4.28 -4.40 -5.06
N GLU A 164 -3.21 -3.66 -5.18
CA GLU A 164 -1.89 -4.19 -4.96
C GLU A 164 -0.83 -3.15 -4.85
N CYS A 165 0.28 -3.49 -4.21
CA CYS A 165 1.38 -2.52 -3.87
C CYS A 165 2.47 -3.18 -4.69
N LYS A 166 2.91 -2.52 -5.76
CA LYS A 166 3.94 -3.03 -6.68
C LYS A 166 5.04 -2.00 -6.96
N SER A 167 6.12 -2.38 -7.66
CA SER A 167 7.27 -1.45 -7.81
C SER A 167 8.16 -1.95 -8.94
N PHE A 168 9.00 -1.06 -9.45
CA PHE A 168 9.93 -1.36 -10.51
C PHE A 168 11.14 -2.06 -9.96
N GLY A 169 11.55 -3.11 -10.66
CA GLY A 169 12.69 -3.89 -10.25
C GLY A 169 13.99 -3.30 -10.71
N HIS A 170 15.02 -3.98 -10.32
CA HIS A 170 16.35 -3.68 -10.71
C HIS A 170 16.85 -4.95 -11.39
N GLU A 171 17.81 -4.80 -12.28
CA GLU A 171 18.36 -5.94 -13.00
C GLU A 171 18.95 -7.00 -12.11
N VAL A 172 19.58 -6.57 -11.04
CA VAL A 172 20.42 -7.45 -10.22
C VAL A 172 19.89 -7.50 -8.79
N LEU A 173 19.42 -6.36 -8.29
CA LEU A 173 19.04 -6.22 -6.88
C LEU A 173 17.55 -6.50 -6.66
N ASN A 174 17.20 -7.21 -5.56
CA ASN A 174 15.84 -7.41 -5.16
C ASN A 174 15.47 -6.38 -4.12
N LEU A 175 15.05 -5.21 -4.59
CA LEU A 175 14.98 -4.00 -3.78
C LEU A 175 13.97 -4.14 -2.65
N THR A 176 12.89 -4.90 -2.83
CA THR A 176 11.88 -5.03 -1.77
C THR A 176 12.28 -6.08 -0.72
N ARG A 177 13.40 -6.76 -0.93
N ARG A 177 13.38 -6.79 -0.93
CA ARG A 177 13.82 -7.88 -0.07
CA ARG A 177 13.82 -7.84 0.01
C ARG A 177 15.27 -7.81 0.41
C ARG A 177 15.33 -7.88 0.25
N ASN A 178 15.98 -6.73 0.05
CA ASN A 178 17.39 -6.60 0.39
C ASN A 178 17.68 -5.43 1.30
N GLY A 179 16.62 -4.96 1.98
CA GLY A 179 16.69 -3.76 2.79
C GLY A 179 16.68 -2.42 2.08
N TYR A 180 16.86 -2.38 0.77
CA TYR A 180 17.06 -1.09 0.10
C TYR A 180 15.72 -0.34 -0.01
N GLY A 181 14.68 -1.06 -0.40
CA GLY A 181 13.42 -0.43 -0.67
C GLY A 181 13.36 0.18 -2.09
N SER A 182 12.14 0.42 -2.54
CA SER A 182 11.87 1.01 -3.84
C SER A 182 10.55 1.79 -3.78
N THR A 183 10.39 2.77 -4.66
CA THR A 183 9.16 3.50 -4.77
C THR A 183 8.01 2.53 -5.00
N GLN A 184 6.92 2.67 -4.24
CA GLN A 184 5.79 1.78 -4.27
C GLN A 184 4.63 2.45 -4.99
N TYR A 185 4.00 1.68 -5.87
CA TYR A 185 2.82 2.11 -6.65
C TYR A 185 1.67 1.25 -6.15
N ILE A 186 0.69 1.89 -5.52
CA ILE A 186 -0.50 1.17 -5.06
C ILE A 186 -1.66 1.36 -6.00
N ARG A 187 -2.11 0.26 -6.66
CA ARG A 187 -3.35 0.25 -7.42
C ARG A 187 -4.47 0.21 -6.38
N PHE A 188 -5.37 1.19 -6.39
CA PHE A 188 -6.39 1.39 -5.42
C PHE A 188 -7.53 2.20 -5.94
N SER A 189 -8.77 1.92 -5.51
CA SER A 189 -9.91 2.81 -5.79
C SER A 189 -10.69 3.05 -4.52
N PRO A 190 -11.10 4.27 -4.21
CA PRO A 190 -12.07 4.59 -3.15
C PRO A 190 -13.51 4.49 -3.55
N ASP A 191 -13.76 4.11 -4.79
CA ASP A 191 -15.09 4.17 -5.42
C ASP A 191 -15.89 2.86 -5.36
N PHE A 192 -15.29 1.82 -4.79
CA PHE A 192 -15.84 0.48 -4.65
C PHE A 192 -15.42 -0.06 -3.31
N THR A 193 -16.22 -1.01 -2.77
CA THR A 193 -15.79 -1.74 -1.62
C THR A 193 -16.39 -3.13 -1.65
N PHE A 194 -16.04 -3.94 -0.67
CA PHE A 194 -16.32 -5.38 -0.64
C PHE A 194 -17.27 -5.71 0.43
N GLY A 195 -18.07 -6.72 0.17
CA GLY A 195 -18.99 -7.23 1.18
C GLY A 195 -18.44 -8.44 1.89
N PHE A 196 -18.72 -8.54 3.19
CA PHE A 196 -18.31 -9.69 3.97
C PHE A 196 -19.44 -10.03 4.94
N GLU A 197 -19.29 -11.17 5.62
CA GLU A 197 -20.35 -11.70 6.49
C GLU A 197 -19.82 -11.70 7.93
N GLU A 198 -20.72 -11.33 8.83
CA GLU A 198 -20.49 -11.18 10.22
C GLU A 198 -20.26 -12.46 10.99
N SER A 199 -20.76 -13.59 10.49
CA SER A 199 -20.44 -14.89 11.07
C SER A 199 -19.24 -15.52 10.44
N LEU A 200 -18.27 -15.91 11.23
CA LEU A 200 -17.03 -16.47 10.73
C LEU A 200 -17.29 -17.68 9.88
N GLU A 201 -18.17 -18.56 10.35
CA GLU A 201 -18.41 -19.78 9.60
C GLU A 201 -19.09 -19.52 8.26
N VAL A 202 -19.83 -18.44 8.13
CA VAL A 202 -20.37 -18.03 6.86
C VAL A 202 -19.31 -17.34 5.99
N ASP A 203 -18.57 -16.43 6.57
CA ASP A 203 -17.59 -15.64 5.81
C ASP A 203 -16.55 -16.52 5.20
N THR A 204 -16.20 -17.62 5.87
CA THR A 204 -15.15 -18.51 5.38
C THR A 204 -15.66 -19.71 4.54
N ASN A 205 -16.93 -19.63 4.14
CA ASN A 205 -17.56 -20.69 3.36
C ASN A 205 -17.87 -20.04 2.01
N PRO A 206 -17.44 -20.66 0.89
CA PRO A 206 -17.66 -20.08 -0.44
C PRO A 206 -19.06 -20.19 -0.98
N LEU A 207 -19.94 -20.89 -0.27
CA LEU A 207 -21.29 -21.17 -0.76
C LEU A 207 -22.36 -20.31 -0.08
N LEU A 208 -21.97 -19.57 0.95
CA LEU A 208 -22.94 -18.88 1.82
C LEU A 208 -22.69 -17.38 1.89
N GLY A 209 -23.77 -16.61 1.99
CA GLY A 209 -23.74 -15.20 2.34
C GLY A 209 -23.72 -14.30 1.11
N ALA A 210 -24.41 -13.19 1.21
CA ALA A 210 -24.52 -12.27 0.10
C ALA A 210 -23.65 -11.04 0.32
N GLY A 211 -23.00 -10.91 1.46
CA GLY A 211 -22.20 -9.72 1.78
C GLY A 211 -22.95 -8.64 2.51
N LYS A 212 -23.42 -8.91 3.70
CA LYS A 212 -24.28 -7.99 4.40
C LYS A 212 -23.52 -6.76 4.84
N PHE A 213 -22.25 -6.89 5.25
CA PHE A 213 -21.50 -5.75 5.73
C PHE A 213 -20.46 -5.32 4.71
N ALA A 214 -20.18 -4.01 4.65
CA ALA A 214 -19.22 -3.48 3.72
C ALA A 214 -17.93 -3.10 4.43
N THR A 215 -16.82 -3.49 3.84
CA THR A 215 -15.48 -3.12 4.30
C THR A 215 -15.30 -1.61 4.23
N ASP A 216 -14.79 -1.05 5.29
CA ASP A 216 -14.41 0.38 5.27
C ASP A 216 -13.16 0.52 4.39
N PRO A 217 -13.24 1.34 3.33
CA PRO A 217 -12.09 1.48 2.42
C PRO A 217 -10.80 2.01 3.06
N ALA A 218 -10.91 2.64 4.22
CA ALA A 218 -9.71 3.02 4.97
C ALA A 218 -8.88 1.87 5.40
N VAL A 219 -9.57 0.78 5.75
CA VAL A 219 -8.87 -0.46 6.08
C VAL A 219 -8.13 -1.04 4.86
N THR A 220 -8.84 -1.06 3.74
CA THR A 220 -8.29 -1.60 2.51
C THR A 220 -7.06 -0.80 2.09
N LEU A 221 -7.14 0.52 2.15
CA LEU A 221 -5.96 1.31 1.84
C LEU A 221 -4.84 1.07 2.85
N ALA A 222 -5.19 1.03 4.13
CA ALA A 222 -4.17 0.72 5.12
C ALA A 222 -3.42 -0.60 4.85
N HIS A 223 -4.19 -1.65 4.47
CA HIS A 223 -3.58 -2.92 4.10
C HIS A 223 -2.50 -2.71 3.08
N GLU A 224 -2.81 -1.98 2.01
CA GLU A 224 -1.79 -1.76 0.97
C GLU A 224 -0.65 -0.89 1.46
N LEU A 225 -0.92 0.09 2.30
CA LEU A 225 0.15 0.90 2.90
C LEU A 225 1.09 0.07 3.78
N ILE A 226 0.57 -0.93 4.47
CA ILE A 226 1.40 -1.83 5.32
C ILE A 226 2.33 -2.62 4.35
N HIS A 227 1.84 -3.13 3.22
CA HIS A 227 2.75 -3.74 2.26
C HIS A 227 3.80 -2.71 1.82
N ALA A 228 3.35 -1.49 1.52
CA ALA A 228 4.29 -0.50 1.06
C ALA A 228 5.34 -0.24 2.10
N GLY A 229 5.01 -0.23 3.39
CA GLY A 229 6.02 -0.10 4.43
C GLY A 229 7.03 -1.20 4.41
N HIS A 230 6.59 -2.46 4.30
CA HIS A 230 7.51 -3.55 4.18
C HIS A 230 8.45 -3.36 2.99
N ARG A 231 7.87 -3.01 1.85
CA ARG A 231 8.64 -2.95 0.62
C ARG A 231 9.56 -1.73 0.58
N LEU A 232 9.19 -0.62 1.19
CA LEU A 232 10.09 0.54 1.27
C LEU A 232 11.28 0.32 2.17
N TYR A 233 11.12 -0.55 3.18
CA TYR A 233 12.21 -0.92 4.06
C TYR A 233 12.94 -2.15 3.58
N GLY A 234 12.53 -2.69 2.43
CA GLY A 234 13.19 -3.83 1.83
C GLY A 234 13.14 -5.08 2.67
N ILE A 235 12.01 -5.25 3.38
CA ILE A 235 11.82 -6.43 4.24
C ILE A 235 10.62 -7.27 3.87
N ALA A 236 10.12 -7.16 2.65
CA ALA A 236 8.99 -7.98 2.23
C ALA A 236 9.41 -9.42 2.23
N ILE A 237 8.50 -10.34 2.58
CA ILE A 237 8.80 -11.77 2.50
C ILE A 237 8.54 -12.22 1.06
N ASN A 238 9.53 -12.93 0.51
CA ASN A 238 9.44 -13.45 -0.84
C ASN A 238 8.08 -14.13 -1.07
N PRO A 239 7.37 -13.75 -2.13
CA PRO A 239 6.08 -14.37 -2.39
C PRO A 239 6.11 -15.90 -2.54
N ASN A 240 7.30 -16.49 -2.69
CA ASN A 240 7.39 -17.92 -2.88
C ASN A 240 7.41 -18.67 -1.55
N ARG A 241 7.34 -17.91 -0.47
CA ARG A 241 7.20 -18.48 0.87
C ARG A 241 5.73 -18.41 1.23
N VAL A 242 5.11 -19.58 1.27
CA VAL A 242 3.67 -19.66 1.44
C VAL A 242 3.26 -20.71 2.48
N PHE A 243 2.04 -20.50 2.98
CA PHE A 243 1.37 -21.40 3.90
C PHE A 243 0.37 -22.21 3.15
N LYS A 244 0.53 -23.53 3.22
CA LYS A 244 -0.44 -24.46 2.68
C LYS A 244 -1.57 -24.47 3.68
N VAL A 245 -2.64 -23.80 3.34
CA VAL A 245 -3.71 -23.65 4.30
C VAL A 245 -4.29 -25.03 4.59
N ASN A 246 -4.34 -25.36 5.88
CA ASN A 246 -4.96 -26.60 6.36
C ASN A 246 -6.00 -26.45 7.49
N THR A 247 -6.63 -25.28 7.53
CA THR A 247 -7.67 -24.93 8.46
C THR A 247 -8.94 -24.46 7.73
N ASN A 248 -9.07 -24.83 6.46
CA ASN A 248 -10.27 -24.50 5.73
C ASN A 248 -10.46 -25.53 4.62
N ALA A 249 -11.50 -26.36 4.75
CA ALA A 249 -11.66 -27.53 3.86
C ALA A 249 -11.76 -27.13 2.40
N TYR A 250 -12.31 -25.95 2.18
CA TYR A 250 -12.48 -25.43 0.83
C TYR A 250 -11.16 -24.98 0.24
N TYR A 251 -10.34 -24.29 1.01
CA TYR A 251 -8.98 -23.96 0.60
C TYR A 251 -8.21 -25.28 0.24
N GLU A 252 -8.31 -26.31 1.06
CA GLU A 252 -7.53 -27.51 0.83
C GLU A 252 -7.98 -28.24 -0.46
N MET A 253 -9.28 -28.25 -0.74
CA MET A 253 -9.74 -28.91 -1.96
C MET A 253 -9.20 -28.20 -3.19
N SER A 254 -8.98 -26.90 -3.09
CA SER A 254 -8.54 -26.09 -4.22
C SER A 254 -7.05 -25.98 -4.29
N GLY A 255 -6.37 -26.47 -3.26
CA GLY A 255 -4.92 -26.32 -3.18
C GLY A 255 -4.48 -24.89 -2.95
N LEU A 256 -5.32 -24.08 -2.33
CA LEU A 256 -5.03 -22.65 -2.18
C LEU A 256 -4.00 -22.43 -1.10
N GLU A 257 -2.88 -21.82 -1.49
CA GLU A 257 -1.77 -21.45 -0.60
C GLU A 257 -1.83 -19.92 -0.40
N VAL A 258 -1.38 -19.42 0.74
CA VAL A 258 -1.37 -17.99 1.03
C VAL A 258 0.03 -17.57 1.42
N SER A 259 0.51 -16.47 0.87
CA SER A 259 1.87 -16.04 1.15
C SER A 259 2.03 -15.60 2.59
N PHE A 260 3.22 -15.84 3.11
CA PHE A 260 3.57 -15.36 4.43
C PHE A 260 3.44 -13.85 4.52
N GLU A 261 3.76 -13.15 3.43
CA GLU A 261 3.64 -11.68 3.42
C GLU A 261 2.21 -11.20 3.68
N GLU A 262 1.22 -11.91 3.13
CA GLU A 262 -0.16 -11.58 3.43
C GLU A 262 -0.61 -11.87 4.84
N LEU A 263 -0.20 -13.01 5.34
CA LEU A 263 -0.53 -13.39 6.72
C LEU A 263 0.04 -12.41 7.72
N ARG A 264 1.30 -12.01 7.53
N ARG A 264 1.30 -12.03 7.48
CA ARG A 264 1.87 -10.95 8.34
CA ARG A 264 2.02 -10.98 8.22
C ARG A 264 1.06 -9.69 8.26
C ARG A 264 1.27 -9.65 8.21
N THR A 265 0.80 -9.25 7.03
CA THR A 265 0.11 -7.98 6.82
C THR A 265 -1.24 -7.93 7.49
N PHE A 266 -1.97 -9.05 7.41
CA PHE A 266 -3.25 -9.12 8.10
C PHE A 266 -3.05 -9.05 9.61
N GLY A 267 -2.10 -9.81 10.13
CA GLY A 267 -1.86 -9.86 11.56
C GLY A 267 -2.83 -10.74 12.28
N GLY A 268 -3.02 -10.41 13.55
CA GLY A 268 -3.84 -11.22 14.43
C GLY A 268 -3.44 -12.70 14.41
N HIS A 269 -4.46 -13.54 14.42
CA HIS A 269 -4.19 -14.99 14.42
C HIS A 269 -3.59 -15.45 13.12
N ASP A 270 -3.85 -14.72 12.03
CA ASP A 270 -3.27 -15.16 10.75
C ASP A 270 -1.74 -15.21 10.76
N ALA A 271 -1.12 -14.21 11.41
CA ALA A 271 0.32 -14.12 11.46
C ALA A 271 0.98 -15.23 12.25
N LYS A 272 0.21 -15.90 13.06
CA LYS A 272 0.74 -16.97 13.88
C LYS A 272 0.82 -18.29 13.11
N PHE A 273 0.35 -18.33 11.85
CA PHE A 273 0.63 -19.48 11.02
C PHE A 273 2.07 -19.56 10.56
N ILE A 274 2.79 -18.43 10.64
CA ILE A 274 4.25 -18.41 10.43
C ILE A 274 4.85 -18.85 11.74
N ASP A 275 5.54 -19.97 11.74
CA ASP A 275 6.07 -20.51 12.98
C ASP A 275 7.35 -19.79 13.46
N SER A 276 7.72 -20.05 14.70
CA SER A 276 8.78 -19.30 15.33
C SER A 276 10.11 -19.45 14.61
N LEU A 277 10.39 -20.63 14.11
CA LEU A 277 11.64 -20.88 13.42
C LEU A 277 11.72 -19.95 12.23
N GLN A 278 10.62 -19.83 11.48
CA GLN A 278 10.59 -19.06 10.25
C GLN A 278 10.61 -17.56 10.57
N GLU A 279 9.85 -17.14 11.60
CA GLU A 279 9.96 -15.74 12.03
C GLU A 279 11.39 -15.38 12.32
N ASN A 280 12.12 -16.23 13.07
CA ASN A 280 13.49 -15.96 13.47
C ASN A 280 14.36 -15.92 12.24
N GLU A 281 14.06 -16.79 11.29
CA GLU A 281 14.84 -16.88 10.05
C GLU A 281 14.73 -15.57 9.30
N PHE A 282 13.55 -15.04 9.14
CA PHE A 282 13.35 -13.79 8.40
C PHE A 282 13.99 -12.62 9.15
N ARG A 283 13.87 -12.60 10.48
N ARG A 283 13.82 -12.61 10.48
CA ARG A 283 14.43 -11.51 11.27
CA ARG A 283 14.41 -11.56 11.30
C ARG A 283 15.95 -11.46 11.14
C ARG A 283 15.90 -11.48 11.04
N LEU A 284 16.58 -12.63 11.18
CA LEU A 284 18.04 -12.70 10.98
C LEU A 284 18.41 -12.30 9.53
N TYR A 285 17.67 -12.80 8.55
CA TYR A 285 17.91 -12.48 7.16
C TYR A 285 17.90 -10.97 6.91
N TYR A 286 16.91 -10.27 7.41
CA TYR A 286 16.82 -8.84 7.20
C TYR A 286 17.75 -8.06 8.10
N TYR A 287 18.13 -8.58 9.25
CA TYR A 287 19.16 -7.96 10.05
C TYR A 287 20.46 -7.91 9.22
N ASN A 288 20.77 -9.02 8.56
CA ASN A 288 21.98 -9.14 7.73
C ASN A 288 21.93 -8.15 6.56
N LYS A 289 20.75 -7.88 6.04
CA LYS A 289 20.60 -6.92 4.95
C LYS A 289 20.90 -5.52 5.47
N PHE A 290 20.46 -5.20 6.68
CA PHE A 290 20.66 -3.87 7.23
C PHE A 290 22.14 -3.69 7.54
N LYS A 291 22.83 -4.76 7.93
CA LYS A 291 24.27 -4.69 8.13
C LYS A 291 24.96 -4.41 6.82
N ASP A 292 24.45 -4.98 5.72
CA ASP A 292 25.04 -4.79 4.40
C ASP A 292 24.91 -3.35 4.00
N ILE A 293 23.80 -2.72 4.37
CA ILE A 293 23.55 -1.32 4.05
C ILE A 293 24.53 -0.46 4.85
N ALA A 294 24.77 -0.78 6.12
CA ALA A 294 25.71 0.00 6.91
C ALA A 294 27.09 -0.12 6.26
N SER A 295 27.46 -1.32 5.84
CA SER A 295 28.77 -1.55 5.24
C SER A 295 28.93 -0.72 3.98
N THR A 296 27.87 -0.66 3.20
CA THR A 296 27.85 0.04 1.92
C THR A 296 28.01 1.54 2.15
N LEU A 297 27.31 2.07 3.13
CA LEU A 297 27.43 3.48 3.49
C LEU A 297 28.84 3.81 3.95
N ASN A 298 29.47 2.93 4.72
CA ASN A 298 30.83 3.20 5.20
C ASN A 298 31.82 3.24 4.06
N LYS A 299 31.62 2.44 3.03
CA LYS A 299 32.51 2.43 1.88
C LYS A 299 32.39 3.69 1.03
N ALA A 300 31.22 4.33 1.00
CA ALA A 300 30.97 5.46 0.14
C ALA A 300 31.66 6.71 0.65
N LYS A 301 32.53 7.29 -0.18
CA LYS A 301 33.29 8.48 0.19
C LYS A 301 32.91 9.69 -0.65
N SER A 302 32.09 9.46 -1.65
N SER A 302 32.09 9.47 -1.66
CA SER A 302 31.56 10.54 -2.47
CA SER A 302 31.62 10.54 -2.54
C SER A 302 30.09 10.29 -2.76
C SER A 302 30.20 10.28 -3.07
N ILE A 303 29.42 11.34 -3.23
CA ILE A 303 28.04 11.25 -3.68
C ILE A 303 28.02 11.61 -5.14
N VAL A 304 27.09 11.00 -5.86
CA VAL A 304 26.86 11.28 -7.26
C VAL A 304 25.67 12.21 -7.36
N GLY A 305 25.80 13.25 -8.14
CA GLY A 305 24.75 14.22 -8.33
C GLY A 305 25.03 15.45 -7.48
N THR A 306 24.21 16.48 -7.67
CA THR A 306 24.46 17.72 -7.00
C THR A 306 23.33 18.22 -6.10
N THR A 307 22.27 17.42 -5.94
CA THR A 307 21.10 17.91 -5.22
C THR A 307 21.18 17.76 -3.69
N ALA A 308 21.99 16.82 -3.23
CA ALA A 308 22.04 16.51 -1.80
C ALA A 308 23.47 16.19 -1.44
N SER A 309 23.89 16.55 -0.25
CA SER A 309 25.25 16.25 0.17
C SER A 309 25.34 14.79 0.65
N LEU A 310 26.55 14.24 0.63
CA LEU A 310 26.80 12.92 1.17
C LEU A 310 26.38 12.88 2.62
N GLN A 311 26.74 13.88 3.41
CA GLN A 311 26.40 13.88 4.82
C GLN A 311 24.88 13.96 5.08
N TYR A 312 24.16 14.67 4.25
CA TYR A 312 22.70 14.67 4.35
C TYR A 312 22.17 13.26 4.04
N MET A 313 22.55 12.66 2.93
CA MET A 313 22.04 11.32 2.60
C MET A 313 22.46 10.26 3.60
N LYS A 314 23.65 10.34 4.15
CA LYS A 314 24.02 9.40 5.20
C LYS A 314 23.08 9.59 6.40
N ASN A 315 22.69 10.81 6.72
CA ASN A 315 21.78 11.06 7.84
C ASN A 315 20.37 10.54 7.51
N VAL A 316 19.92 10.69 6.27
CA VAL A 316 18.64 10.17 5.84
C VAL A 316 18.56 8.69 6.11
N PHE A 317 19.61 7.97 5.77
CA PHE A 317 19.59 6.52 5.95
C PHE A 317 19.88 6.10 7.40
N LYS A 318 20.67 6.87 8.16
CA LYS A 318 20.78 6.70 9.61
C LYS A 318 19.38 6.76 10.23
N GLU A 319 18.60 7.77 9.86
CA GLU A 319 17.24 7.93 10.41
C GLU A 319 16.29 6.86 9.95
N LYS A 320 16.41 6.44 8.68
CA LYS A 320 15.48 5.44 8.12
C LYS A 320 15.71 4.13 8.87
N TYR A 321 16.96 3.67 8.93
CA TYR A 321 17.28 2.33 9.44
C TYR A 321 17.58 2.36 10.94
N LEU A 322 17.46 3.53 11.57
CA LEU A 322 17.80 3.71 12.98
C LEU A 322 19.20 3.19 13.29
N LEU A 323 20.18 3.53 12.44
CA LEU A 323 21.56 3.10 12.62
C LEU A 323 22.24 3.84 13.77
N SER A 324 23.29 3.23 14.29
CA SER A 324 24.17 3.93 15.25
C SER A 324 25.32 4.50 14.50
N GLU A 325 25.72 5.72 14.89
CA GLU A 325 26.84 6.41 14.27
C GLU A 325 27.85 6.71 15.39
N ASP A 326 29.09 6.22 15.26
CA ASP A 326 30.13 6.50 16.26
C ASP A 326 30.92 7.75 15.88
N THR A 327 32.12 7.88 16.45
CA THR A 327 32.97 9.05 16.26
C THR A 327 33.44 9.22 14.81
N SER A 328 34.10 8.19 14.27
CA SER A 328 34.56 8.24 12.88
C SER A 328 33.46 8.75 11.96
N GLY A 329 32.21 8.61 12.41
CA GLY A 329 31.06 8.81 11.57
C GLY A 329 30.69 7.47 10.94
N LYS A 330 31.14 6.40 11.60
CA LYS A 330 30.95 5.04 11.10
C LYS A 330 29.60 4.50 11.55
N PHE A 331 28.88 3.88 10.62
CA PHE A 331 27.55 3.33 10.93
C PHE A 331 27.64 1.83 11.27
N SER A 332 26.79 1.43 12.21
CA SER A 332 26.55 0.03 12.55
C SER A 332 25.06 -0.13 12.85
N VAL A 333 24.59 -1.37 12.80
CA VAL A 333 23.22 -1.71 13.16
C VAL A 333 23.20 -2.24 14.62
N ASP A 334 22.42 -1.59 15.48
CA ASP A 334 22.20 -2.07 16.84
C ASP A 334 21.06 -3.09 16.83
N LYS A 335 21.27 -4.31 17.33
CA LYS A 335 20.29 -5.38 17.19
C LYS A 335 18.98 -5.06 17.89
N LEU A 336 19.04 -4.44 19.05
CA LEU A 336 17.85 -4.07 19.77
C LEU A 336 17.03 -3.07 18.96
N LYS A 337 17.70 -2.07 18.34
CA LYS A 337 16.99 -1.08 17.55
C LYS A 337 16.47 -1.70 16.28
N PHE A 338 17.24 -2.59 15.66
CA PHE A 338 16.74 -3.31 14.50
C PHE A 338 15.49 -4.13 14.83
N ASP A 339 15.54 -4.85 15.94
CA ASP A 339 14.43 -5.76 16.27
C ASP A 339 13.18 -4.92 16.52
N LYS A 340 13.38 -3.77 17.17
CA LYS A 340 12.28 -2.84 17.43
C LYS A 340 11.60 -2.28 16.19
N LEU A 341 12.41 -1.78 15.23
CA LEU A 341 11.87 -1.27 13.98
C LEU A 341 11.25 -2.34 13.13
N TYR A 342 11.92 -3.49 13.06
CA TYR A 342 11.39 -4.61 12.31
C TYR A 342 10.00 -5.04 12.87
N LYS A 343 9.91 -5.10 14.22
CA LYS A 343 8.66 -5.42 14.86
C LYS A 343 7.59 -4.38 14.58
N MET A 344 7.95 -3.11 14.65
CA MET A 344 7.00 -2.05 14.31
C MET A 344 6.36 -2.21 12.92
N LEU A 345 7.23 -2.42 11.93
CA LEU A 345 6.79 -2.53 10.58
C LEU A 345 5.95 -3.78 10.26
N THR A 346 6.21 -4.85 11.04
CA THR A 346 5.66 -6.16 10.70
C THR A 346 4.55 -6.63 11.62
N GLU A 347 4.60 -6.26 12.90
CA GLU A 347 3.63 -6.68 13.93
C GLU A 347 2.73 -5.55 14.38
N ILE A 348 3.19 -4.32 14.44
CA ILE A 348 2.36 -3.25 14.92
C ILE A 348 1.43 -2.72 13.79
N TYR A 349 2.00 -2.50 12.61
CA TYR A 349 1.22 -2.09 11.46
C TYR A 349 0.62 -3.31 10.75
N THR A 350 -0.61 -3.65 11.13
CA THR A 350 -1.36 -4.80 10.61
C THR A 350 -2.81 -4.38 10.35
N GLU A 351 -3.47 -5.08 9.42
CA GLU A 351 -4.89 -4.85 9.15
C GLU A 351 -5.71 -5.00 10.41
N ASP A 352 -5.45 -6.04 11.20
CA ASP A 352 -6.21 -6.28 12.42
C ASP A 352 -6.11 -5.16 13.41
N ASN A 353 -4.92 -4.58 13.54
CA ASN A 353 -4.76 -3.46 14.43
C ASN A 353 -5.45 -2.19 13.91
N PHE A 354 -5.42 -1.96 12.61
CA PHE A 354 -6.22 -0.82 12.06
C PHE A 354 -7.71 -0.93 12.35
N VAL A 355 -8.22 -2.14 12.24
CA VAL A 355 -9.61 -2.37 12.53
C VAL A 355 -9.95 -1.91 13.94
N LYS A 356 -9.05 -2.23 14.91
CA LYS A 356 -9.22 -1.85 16.29
C LYS A 356 -9.22 -0.32 16.45
N PHE A 357 -8.34 0.37 15.73
CA PHE A 357 -8.30 1.80 15.83
C PHE A 357 -9.45 2.52 15.17
N PHE A 358 -9.94 1.98 14.06
CA PHE A 358 -11.06 2.59 13.34
C PHE A 358 -12.43 2.22 14.00
N LYS A 359 -12.47 1.19 14.82
CA LYS A 359 -13.73 0.73 15.41
C LYS A 359 -14.76 0.40 14.35
N VAL A 360 -14.33 -0.45 13.45
CA VAL A 360 -15.18 -0.94 12.38
C VAL A 360 -15.29 -2.45 12.43
N LEU A 361 -16.30 -2.96 11.75
CA LEU A 361 -16.42 -4.39 11.47
C LEU A 361 -15.61 -4.69 10.22
N ASN A 362 -14.98 -5.85 10.15
CA ASN A 362 -14.05 -6.22 9.08
C ASN A 362 -13.93 -7.71 9.01
N ARG A 363 -13.49 -8.27 7.90
CA ARG A 363 -13.11 -9.68 7.88
C ARG A 363 -12.20 -9.99 9.09
N LYS A 364 -12.40 -11.19 9.62
CA LYS A 364 -11.65 -11.64 10.80
C LYS A 364 -10.36 -12.34 10.45
N THR A 365 -10.21 -12.72 9.20
CA THR A 365 -9.08 -13.46 8.71
C THR A 365 -8.96 -13.14 7.23
N TYR A 366 -7.76 -13.26 6.72
CA TYR A 366 -7.49 -13.19 5.26
C TYR A 366 -7.96 -14.49 4.61
N LEU A 367 -8.13 -15.57 5.38
CA LEU A 367 -8.52 -16.89 4.90
C LEU A 367 -10.04 -17.03 4.79
N ASN A 368 -10.65 -16.18 3.98
CA ASN A 368 -12.10 -16.16 3.79
C ASN A 368 -12.43 -16.23 2.32
N PHE A 369 -13.69 -15.98 1.99
CA PHE A 369 -14.16 -15.87 0.60
C PHE A 369 -14.97 -14.63 0.49
N ASP A 370 -14.61 -13.80 -0.48
CA ASP A 370 -15.37 -12.59 -0.72
C ASP A 370 -16.79 -12.89 -1.22
N LYS A 371 -17.69 -11.95 -0.91
CA LYS A 371 -19.10 -12.11 -1.18
C LYS A 371 -19.63 -11.20 -2.27
N ALA A 372 -19.20 -9.95 -2.33
CA ALA A 372 -19.81 -9.01 -3.26
C ALA A 372 -18.91 -7.81 -3.41
N VAL A 373 -19.12 -7.06 -4.48
CA VAL A 373 -18.54 -5.74 -4.70
C VAL A 373 -19.67 -4.74 -4.82
N PHE A 374 -19.53 -3.63 -4.15
CA PHE A 374 -20.45 -2.51 -4.10
C PHE A 374 -19.81 -1.26 -4.69
N LYS A 375 -20.61 -0.47 -5.39
CA LYS A 375 -20.27 0.91 -5.75
C LYS A 375 -20.64 1.83 -4.59
N ILE A 376 -19.75 2.75 -4.25
CA ILE A 376 -19.90 3.66 -3.07
C ILE A 376 -19.47 5.06 -3.47
N ASN A 377 -19.78 6.04 -2.63
CA ASN A 377 -19.28 7.38 -2.80
C ASN A 377 -18.99 7.97 -1.45
N ILE A 378 -17.70 7.94 -1.08
CA ILE A 378 -17.29 8.45 0.26
C ILE A 378 -17.04 9.94 0.35
N VAL A 379 -17.13 10.64 -0.76
CA VAL A 379 -16.82 12.06 -0.81
C VAL A 379 -17.77 12.96 -0.01
N PRO A 380 -19.08 12.78 -0.14
CA PRO A 380 -20.03 13.58 0.63
C PRO A 380 -19.95 13.27 2.13
N LYS A 381 -19.84 14.32 2.95
CA LYS A 381 -19.76 14.12 4.37
C LYS A 381 -21.05 13.49 4.91
N VAL A 382 -22.19 13.62 4.23
CA VAL A 382 -23.41 12.94 4.64
C VAL A 382 -23.31 11.43 4.47
N ASN A 383 -22.32 10.96 3.70
CA ASN A 383 -22.10 9.52 3.47
C ASN A 383 -20.99 8.89 4.33
N TYR A 384 -19.90 9.64 4.54
CA TYR A 384 -18.69 9.07 5.11
C TYR A 384 -17.79 10.20 5.61
N THR A 385 -17.18 10.06 6.77
CA THR A 385 -16.33 11.08 7.33
C THR A 385 -14.99 10.57 7.73
N ILE A 386 -14.03 11.49 7.81
CA ILE A 386 -12.71 11.19 8.32
C ILE A 386 -12.81 10.48 9.66
N TYR A 387 -13.67 10.95 10.52
CA TYR A 387 -13.66 10.53 11.91
C TYR A 387 -14.45 9.25 12.16
N ASP A 388 -15.47 9.02 11.36
CA ASP A 388 -16.38 7.94 11.65
C ASP A 388 -16.58 6.94 10.50
N GLY A 389 -15.99 7.19 9.36
CA GLY A 389 -16.24 6.38 8.18
C GLY A 389 -17.74 6.41 7.87
N PHE A 390 -18.33 5.24 7.65
CA PHE A 390 -19.78 5.18 7.35
C PHE A 390 -20.64 5.28 8.62
N ASN A 391 -20.01 5.06 9.78
CA ASN A 391 -20.79 4.84 11.04
C ASN A 391 -20.98 6.16 11.74
N LEU A 392 -21.79 7.02 11.12
CA LEU A 392 -21.85 8.45 11.50
C LEU A 392 -22.40 8.64 12.92
N ARG A 393 -21.63 9.37 13.70
CA ARG A 393 -21.97 9.66 15.10
C ARG A 393 -23.29 10.34 15.17
N ASN A 394 -23.97 10.09 16.28
CA ASN A 394 -25.21 10.78 16.58
C ASN A 394 -26.30 10.58 15.53
N THR A 395 -26.32 9.37 14.94
CA THR A 395 -27.34 8.94 14.00
C THR A 395 -27.57 7.44 14.20
N ASN A 396 -28.54 6.93 13.43
N ASN A 396 -28.56 6.84 13.56
CA ASN A 396 -28.89 5.51 13.36
CA ASN A 396 -28.71 5.39 13.68
C ASN A 396 -27.74 4.65 12.86
C ASN A 396 -27.45 4.67 13.21
N LEU A 397 -26.73 5.28 12.28
CA LEU A 397 -25.59 4.59 11.74
C LEU A 397 -24.44 4.46 12.70
N ALA A 398 -24.51 5.13 13.86
CA ALA A 398 -23.42 5.11 14.80
C ALA A 398 -23.26 3.80 15.53
N ALA A 399 -24.38 3.14 15.80
CA ALA A 399 -24.42 1.95 16.59
C ALA A 399 -24.31 0.71 15.77
N ASN A 400 -23.63 -0.27 16.33
CA ASN A 400 -23.63 -1.64 15.86
C ASN A 400 -23.13 -1.74 14.39
N PHE A 401 -22.23 -0.84 14.03
CA PHE A 401 -21.69 -0.77 12.65
C PHE A 401 -22.82 -0.64 11.64
N ASN A 402 -23.88 0.05 11.99
CA ASN A 402 -25.04 0.17 11.13
C ASN A 402 -24.67 0.90 9.85
N GLY A 403 -23.73 1.83 9.88
CA GLY A 403 -23.31 2.42 8.61
C GLY A 403 -22.65 1.48 7.60
N GLN A 404 -22.02 0.42 8.11
CA GLN A 404 -21.41 -0.62 7.26
C GLN A 404 -22.43 -1.70 6.89
N ASN A 405 -23.60 -1.66 7.49
CA ASN A 405 -24.68 -2.63 7.21
C ASN A 405 -25.38 -2.21 5.94
N THR A 406 -25.11 -2.93 4.86
CA THR A 406 -25.61 -2.56 3.53
C THR A 406 -27.11 -2.70 3.42
N GLU A 407 -27.75 -3.37 4.37
CA GLU A 407 -29.21 -3.54 4.39
C GLU A 407 -29.81 -2.30 5.07
N ILE A 408 -29.22 -1.84 6.16
CA ILE A 408 -29.73 -0.69 6.92
C ILE A 408 -29.33 0.63 6.23
N ASN A 409 -28.07 0.75 5.80
CA ASN A 409 -27.57 1.95 5.16
C ASN A 409 -27.58 1.76 3.64
N ASN A 410 -28.70 1.26 3.11
CA ASN A 410 -28.71 0.80 1.70
C ASN A 410 -28.45 1.94 0.72
N MET A 411 -28.72 3.21 1.07
CA MET A 411 -28.50 4.31 0.08
C MET A 411 -27.03 4.50 -0.23
N ASN A 412 -26.15 3.96 0.60
CA ASN A 412 -24.71 4.10 0.42
C ASN A 412 -24.05 3.00 -0.41
N PHE A 413 -24.81 1.98 -0.82
CA PHE A 413 -24.20 0.85 -1.49
C PHE A 413 -25.07 0.41 -2.64
N THR A 414 -24.49 0.15 -3.81
CA THR A 414 -25.15 -0.53 -4.87
C THR A 414 -24.37 -1.77 -5.22
N LYS A 415 -24.98 -2.92 -5.10
CA LYS A 415 -24.27 -4.15 -5.40
C LYS A 415 -24.10 -4.33 -6.89
N LEU A 416 -22.84 -4.52 -7.29
CA LEU A 416 -22.50 -4.67 -8.69
C LEU A 416 -22.39 -6.11 -9.10
N LYS A 417 -21.90 -6.95 -8.19
CA LYS A 417 -21.66 -8.34 -8.52
C LYS A 417 -21.60 -9.18 -7.22
N ASN A 418 -22.20 -10.34 -7.27
CA ASN A 418 -22.12 -11.41 -6.27
C ASN A 418 -20.97 -12.33 -6.67
N PHE A 419 -20.20 -12.77 -5.66
CA PHE A 419 -19.20 -13.81 -5.82
C PHE A 419 -19.52 -15.17 -5.24
N THR A 420 -20.43 -15.21 -4.27
CA THR A 420 -20.81 -16.47 -3.67
C THR A 420 -21.34 -17.39 -4.76
N GLY A 421 -20.85 -18.62 -4.73
CA GLY A 421 -21.23 -19.63 -5.67
C GLY A 421 -20.39 -19.69 -6.93
N LEU A 422 -19.58 -18.66 -7.14
CA LEU A 422 -18.75 -18.58 -8.36
C LEU A 422 -17.47 -19.32 -8.18
N PHE A 423 -17.15 -19.71 -6.95
CA PHE A 423 -15.89 -20.40 -6.68
C PHE A 423 -16.22 -21.84 -7.08
N GLU A 424 -15.23 -22.64 -7.39
CA GLU A 424 -15.57 -23.95 -7.92
C GLU A 424 -15.80 -24.97 -6.80
N PHE A 425 -16.96 -24.82 -6.16
CA PHE A 425 -17.29 -25.60 -4.97
C PHE A 425 -18.77 -25.98 -4.91
N ARG B 3 -6.77 -10.15 -1.77
CA ARG B 3 -7.50 -11.35 -1.31
C ARG B 3 -6.82 -12.62 -1.70
N ALA B 4 -6.94 -13.65 -0.85
CA ALA B 4 -6.27 -14.91 -1.07
C ALA B 4 -6.67 -15.60 -2.36
N THR B 5 -7.93 -15.47 -2.76
CA THR B 5 -8.41 -16.16 -3.94
C THR B 5 -7.84 -15.65 -5.26
N LYS B 6 -7.08 -14.55 -5.22
CA LYS B 6 -6.34 -14.07 -6.40
C LYS B 6 -5.43 -15.18 -6.91
N MET B 7 -4.95 -16.03 -5.99
CA MET B 7 -4.01 -17.07 -6.33
C MET B 7 -4.62 -18.32 -6.98
N LEU B 8 -5.95 -18.45 -6.97
CA LEU B 8 -6.62 -19.44 -7.83
C LEU B 8 -6.55 -19.01 -9.30
#